data_5OMN
#
_entry.id   5OMN
#
_cell.length_a   167.449
_cell.length_b   167.449
_cell.length_c   143.538
_cell.angle_alpha   90.000
_cell.angle_beta   90.000
_cell.angle_gamma   120.000
#
_symmetry.space_group_name_H-M   'P 62 2 2'
#
loop_
_entity.id
_entity.type
_entity.pdbx_description
1 polymer 'Capsid protein'
2 polymer 'Nanobody (VHH) Nano-27'
#
loop_
_entity_poly.entity_id
_entity_poly.type
_entity_poly.pdbx_seq_one_letter_code
_entity_poly.pdbx_strand_id
1 'polypeptide(L)'
;SKPFTLPILTLGELTNSRFPLPIDVLYTNPNESAIVQCQNGRCTLDGELQGTTQLLPTGICAFRGKVTQQVQDEHRGTHW
NMTVTNLNGTPFDPTEDVPAPLGTPDFSGQIYGVISQRNTNTVPGEGNLPANRAHEAVIATYSPKFTPKLGNIQFSTWET
QDVSSGQPTKFTPVGLASVDANSHFDQWTLPSYSGALTLNMNLAPSVAPVFPGECLLFFRSFIPLKGGYGNPAIDCLMPQ
EWVQHLYQESAPSLSDVALVRYVNPETGRTLFEAKLHRNGFLTVARNSAGPVVAPTNGYFRFDSWVNQFYTLAPM
;
B
2 'polypeptide(L)'
;QVQLQESGGGLVQPGGSLRLSCAASGTIFSRNIMGWYRQAPGKERELVASIYSDRSTWYAESVEGRFTISRDNVKNTLYL
QMNSLKPEDTAMYYCRDRTLGSWGQGTQVTVSSHHHHHH
;
C
#
# COMPACT_ATOMS: atom_id res chain seq x y z
N SER A 1 5.65 13.12 23.08
CA SER A 1 5.12 12.80 21.76
C SER A 1 4.41 11.46 21.76
N LYS A 2 3.31 11.37 21.00
CA LYS A 2 2.53 10.15 20.91
C LYS A 2 3.26 9.10 20.06
N PRO A 3 3.40 7.88 20.60
CA PRO A 3 4.06 6.78 19.88
C PRO A 3 3.29 6.35 18.64
N PHE A 4 4.01 6.16 17.53
CA PHE A 4 3.40 5.76 16.27
C PHE A 4 3.00 4.29 16.29
N THR A 5 1.87 3.98 15.65
CA THR A 5 1.38 2.62 15.60
C THR A 5 0.50 2.38 14.37
N LEU A 6 0.34 1.11 14.00
CA LEU A 6 -0.53 0.73 12.90
C LEU A 6 -1.75 -0.02 13.42
N PRO A 7 -2.87 0.06 12.71
CA PRO A 7 -4.05 -0.71 13.10
C PRO A 7 -3.82 -2.21 12.90
N ILE A 8 -4.33 -3.02 13.82
CA ILE A 8 -4.15 -4.47 13.74
C ILE A 8 -5.25 -5.11 12.89
N LEU A 9 -5.16 -4.91 11.58
CA LEU A 9 -6.09 -5.53 10.64
C LEU A 9 -5.36 -6.50 9.72
N THR A 10 -5.96 -7.66 9.50
CA THR A 10 -5.42 -8.61 8.53
C THR A 10 -5.70 -8.13 7.12
N LEU A 11 -5.14 -8.82 6.14
CA LEU A 11 -5.30 -8.43 4.74
C LEU A 11 -6.77 -8.56 4.30
N GLY A 12 -7.48 -9.49 4.91
CA GLY A 12 -8.88 -9.70 4.60
C GLY A 12 -9.81 -8.77 5.36
N GLU A 13 -9.21 -7.84 6.09
CA GLU A 13 -9.98 -6.86 6.86
C GLU A 13 -9.65 -5.44 6.44
N LEU A 14 -9.18 -5.29 5.21
CA LEU A 14 -8.78 -3.99 4.67
C LEU A 14 -9.51 -3.65 3.38
N THR A 15 -9.70 -2.37 3.12
CA THR A 15 -10.36 -1.92 1.90
C THR A 15 -9.48 -0.94 1.12
N ASN A 16 -9.67 -0.92 -0.20
CA ASN A 16 -8.93 -0.01 -1.05
C ASN A 16 -9.32 1.44 -0.81
N SER A 17 -8.36 2.35 -0.93
CA SER A 17 -8.60 3.75 -0.65
C SER A 17 -8.79 4.58 -1.93
N ARG A 18 -8.69 3.93 -3.08
CA ARG A 18 -8.87 4.61 -4.37
C ARG A 18 -10.15 4.16 -5.06
N PHE A 19 -10.73 3.07 -4.56
CA PHE A 19 -12.02 2.60 -5.03
C PHE A 19 -12.63 1.78 -3.90
N PRO A 20 -13.96 1.81 -3.76
CA PRO A 20 -14.67 1.11 -2.68
C PRO A 20 -14.62 -0.40 -2.92
N LEU A 21 -13.45 -0.99 -2.68
CA LEU A 21 -13.24 -2.41 -2.92
C LEU A 21 -12.42 -3.03 -1.79
N PRO A 22 -12.62 -4.33 -1.52
CA PRO A 22 -11.80 -5.03 -0.54
C PRO A 22 -10.40 -5.30 -1.06
N ILE A 23 -9.42 -5.38 -0.17
CA ILE A 23 -8.05 -5.71 -0.55
C ILE A 23 -7.91 -7.21 -0.79
N ASP A 24 -7.55 -7.58 -2.02
CA ASP A 24 -7.42 -8.99 -2.37
C ASP A 24 -6.02 -9.52 -2.08
N VAL A 25 -5.01 -8.95 -2.74
CA VAL A 25 -3.63 -9.40 -2.56
C VAL A 25 -2.67 -8.21 -2.49
N LEU A 26 -1.44 -8.50 -2.05
CA LEU A 26 -0.35 -7.53 -2.13
C LEU A 26 0.31 -7.65 -3.50
N TYR A 27 0.84 -6.55 -4.01
CA TYR A 27 1.35 -6.53 -5.39
C TYR A 27 2.57 -5.63 -5.56
N THR A 28 3.58 -6.14 -6.25
CA THR A 28 4.74 -5.36 -6.62
C THR A 28 4.91 -5.38 -8.13
N ASN A 29 5.60 -4.37 -8.67
CA ASN A 29 5.85 -4.32 -10.10
C ASN A 29 7.13 -3.56 -10.44
N PRO A 30 8.30 -4.19 -10.24
CA PRO A 30 9.59 -3.57 -10.58
C PRO A 30 9.71 -3.29 -12.08
N ASN A 31 9.08 -4.13 -12.89
CA ASN A 31 9.08 -3.96 -14.33
C ASN A 31 7.99 -3.00 -14.78
N GLU A 32 8.28 -2.23 -15.83
CA GLU A 32 7.34 -1.25 -16.38
C GLU A 32 6.83 -0.29 -15.31
N SER A 33 7.76 0.30 -14.56
CA SER A 33 7.41 1.24 -13.51
C SER A 33 7.01 2.60 -14.09
N ALA A 34 5.84 3.08 -13.69
CA ALA A 34 5.36 4.39 -14.13
C ALA A 34 5.42 5.40 -12.99
N ILE A 35 5.07 6.65 -13.30
CA ILE A 35 5.06 7.70 -12.29
C ILE A 35 3.82 7.60 -11.40
N VAL A 36 4.02 7.16 -10.17
CA VAL A 36 2.90 7.00 -9.24
C VAL A 36 2.60 8.29 -8.49
N GLN A 37 1.48 8.92 -8.84
CA GLN A 37 1.10 10.17 -8.20
C GLN A 37 -0.42 10.25 -8.01
N CYS A 38 -0.98 9.20 -7.41
CA CYS A 38 -2.41 9.15 -7.14
C CYS A 38 -2.80 10.20 -6.09
N GLN A 39 -4.07 10.58 -6.08
CA GLN A 39 -4.53 11.65 -5.20
C GLN A 39 -5.44 11.13 -4.09
N ASN A 40 -6.10 10.00 -4.32
CA ASN A 40 -6.90 9.35 -3.29
C ASN A 40 -6.07 8.36 -2.50
N GLY A 41 -6.34 8.25 -1.20
CA GLY A 41 -5.59 7.36 -0.34
C GLY A 41 -4.21 7.92 -0.02
N ARG A 42 -4.13 9.24 -0.01
CA ARG A 42 -2.87 9.92 0.28
C ARG A 42 -2.89 10.56 1.66
N CYS A 43 -2.09 10.01 2.56
CA CYS A 43 -2.00 10.51 3.92
C CYS A 43 -0.60 10.29 4.49
N THR A 44 0.03 11.38 4.93
CA THR A 44 1.34 11.28 5.56
C THR A 44 1.23 10.57 6.90
N LEU A 45 2.36 10.10 7.42
CA LEU A 45 2.37 9.31 8.65
C LEU A 45 2.01 10.12 9.89
N ASP A 46 2.05 11.45 9.77
CA ASP A 46 1.70 12.31 10.90
C ASP A 46 0.24 12.76 10.85
N GLY A 47 -0.51 12.19 9.92
CA GLY A 47 -1.95 12.40 9.86
C GLY A 47 -2.41 13.54 8.99
N GLU A 48 -1.58 13.94 8.03
CA GLU A 48 -1.97 15.01 7.11
C GLU A 48 -2.52 14.43 5.80
N LEU A 49 -3.78 14.75 5.52
CA LEU A 49 -4.42 14.30 4.30
C LEU A 49 -3.93 15.12 3.11
N GLN A 50 -3.65 14.44 2.00
CA GLN A 50 -3.15 15.11 0.80
C GLN A 50 -4.02 14.81 -0.42
N GLY A 51 -3.90 15.65 -1.43
CA GLY A 51 -4.64 15.46 -2.67
C GLY A 51 -6.14 15.64 -2.47
N THR A 52 -6.90 14.63 -2.88
CA THR A 52 -8.34 14.65 -2.72
C THR A 52 -8.80 13.58 -1.74
N THR A 53 -7.87 13.14 -0.89
CA THR A 53 -8.15 12.09 0.08
C THR A 53 -9.06 12.56 1.20
N GLN A 54 -10.15 11.82 1.41
CA GLN A 54 -11.08 12.11 2.51
C GLN A 54 -11.34 10.83 3.31
N LEU A 55 -12.00 10.97 4.45
CA LEU A 55 -12.10 9.87 5.41
C LEU A 55 -13.19 8.86 5.11
N LEU A 56 -14.30 9.31 4.52
CA LEU A 56 -15.43 8.42 4.25
C LEU A 56 -15.13 7.41 3.14
N PRO A 57 -15.26 6.12 3.45
CA PRO A 57 -15.11 5.04 2.47
C PRO A 57 -16.17 5.13 1.36
N THR A 58 -17.32 5.70 1.69
CA THR A 58 -18.40 5.85 0.73
C THR A 58 -18.23 7.12 -0.11
N GLY A 59 -17.17 7.87 0.17
CA GLY A 59 -16.92 9.12 -0.53
C GLY A 59 -15.91 8.97 -1.66
N ILE A 60 -15.24 7.83 -1.70
CA ILE A 60 -14.25 7.56 -2.74
C ILE A 60 -14.92 7.36 -4.10
N CYS A 61 -14.48 8.12 -5.10
CA CYS A 61 -15.05 8.10 -6.44
C CYS A 61 -16.55 8.37 -6.41
N ALA A 62 -16.98 9.24 -5.50
CA ALA A 62 -18.38 9.59 -5.36
C ALA A 62 -18.62 11.04 -5.72
N PHE A 63 -19.85 11.36 -6.12
CA PHE A 63 -20.22 12.73 -6.46
C PHE A 63 -21.60 13.08 -5.92
N ARG A 64 -21.76 14.33 -5.51
CA ARG A 64 -23.05 14.85 -5.09
C ARG A 64 -23.28 16.25 -5.64
N GLY A 65 -24.46 16.46 -6.21
CA GLY A 65 -24.82 17.75 -6.76
C GLY A 65 -26.18 17.73 -7.41
N LYS A 66 -26.40 18.61 -8.38
CA LYS A 66 -27.66 18.68 -9.09
C LYS A 66 -27.46 18.63 -10.61
N VAL A 67 -28.34 17.90 -11.29
CA VAL A 67 -28.33 17.83 -12.74
C VAL A 67 -28.87 19.13 -13.34
N THR A 68 -28.06 19.78 -14.16
CA THR A 68 -28.45 21.05 -14.77
C THR A 68 -29.40 20.84 -15.95
N GLN A 69 -28.94 20.12 -16.96
CA GLN A 69 -29.74 19.90 -18.16
C GLN A 69 -29.24 18.71 -18.97
N GLN A 70 -30.04 18.30 -19.95
CA GLN A 70 -29.65 17.22 -20.85
C GLN A 70 -28.86 17.77 -22.03
N VAL A 71 -27.69 17.18 -22.27
CA VAL A 71 -26.85 17.59 -23.38
C VAL A 71 -27.36 17.01 -24.69
N GLN A 72 -27.83 17.88 -25.58
CA GLN A 72 -28.33 17.45 -26.87
C GLN A 72 -27.19 17.03 -27.79
N ASP A 73 -27.22 15.77 -28.23
CA ASP A 73 -26.17 15.24 -29.10
C ASP A 73 -26.71 14.15 -30.00
N GLU A 74 -26.12 14.02 -31.18
CA GLU A 74 -26.52 13.00 -32.15
C GLU A 74 -25.75 11.71 -31.93
N HIS A 75 -24.72 11.78 -31.09
CA HIS A 75 -23.90 10.61 -30.79
C HIS A 75 -24.67 9.59 -29.96
N ARG A 76 -24.12 8.38 -29.85
CA ARG A 76 -24.76 7.30 -29.12
C ARG A 76 -24.84 7.62 -27.63
N GLY A 77 -25.90 7.14 -26.98
CA GLY A 77 -26.09 7.35 -25.56
C GLY A 77 -26.78 8.67 -25.24
N THR A 78 -27.08 8.87 -23.96
CA THR A 78 -27.71 10.11 -23.50
C THR A 78 -26.85 10.77 -22.43
N HIS A 79 -26.37 11.98 -22.72
CA HIS A 79 -25.45 12.67 -21.82
C HIS A 79 -26.15 13.73 -20.97
N TRP A 80 -25.73 13.82 -19.71
CA TRP A 80 -26.31 14.78 -18.77
C TRP A 80 -25.23 15.61 -18.10
N ASN A 81 -25.46 16.92 -18.01
CA ASN A 81 -24.53 17.80 -17.33
C ASN A 81 -24.90 17.92 -15.86
N MET A 82 -23.89 17.88 -15.00
CA MET A 82 -24.12 17.85 -13.55
C MET A 82 -23.13 18.73 -12.79
N THR A 83 -23.65 19.68 -12.03
CA THR A 83 -22.82 20.49 -11.15
C THR A 83 -22.48 19.70 -9.90
N VAL A 84 -21.21 19.74 -9.49
CA VAL A 84 -20.79 18.99 -8.31
C VAL A 84 -20.42 19.92 -7.17
N THR A 85 -20.65 19.45 -5.95
CA THR A 85 -20.30 20.19 -4.74
C THR A 85 -19.44 19.31 -3.86
N ASN A 86 -19.25 19.72 -2.61
CA ASN A 86 -18.60 18.88 -1.62
C ASN A 86 -19.53 17.73 -1.23
N LEU A 87 -18.98 16.69 -0.65
CA LEU A 87 -19.77 15.51 -0.28
C LEU A 87 -20.77 15.81 0.83
N ASN A 88 -20.47 16.80 1.66
CA ASN A 88 -21.36 17.16 2.77
C ASN A 88 -22.57 17.97 2.29
N GLY A 89 -22.47 18.55 1.10
CA GLY A 89 -23.55 19.33 0.54
C GLY A 89 -23.17 20.77 0.29
N THR A 90 -22.15 21.25 0.98
CA THR A 90 -21.68 22.63 0.83
C THR A 90 -21.09 22.86 -0.56
N PRO A 91 -21.30 24.05 -1.11
CA PRO A 91 -20.74 24.41 -2.44
C PRO A 91 -19.22 24.31 -2.47
N PHE A 92 -18.69 23.83 -3.60
CA PHE A 92 -17.25 23.67 -3.74
C PHE A 92 -16.57 25.00 -4.07
N ASP A 93 -15.61 25.38 -3.24
CA ASP A 93 -14.85 26.60 -3.47
C ASP A 93 -13.53 26.29 -4.17
N PRO A 94 -13.40 26.71 -5.44
CA PRO A 94 -12.23 26.41 -6.27
C PRO A 94 -10.96 27.14 -5.82
N THR A 95 -11.09 28.05 -4.87
CA THR A 95 -9.94 28.79 -4.36
C THR A 95 -9.23 28.01 -3.25
N GLU A 96 -9.83 26.90 -2.85
CA GLU A 96 -9.25 26.06 -1.81
C GLU A 96 -8.03 25.31 -2.35
N ASP A 97 -7.10 24.97 -1.45
CA ASP A 97 -5.86 24.32 -1.85
C ASP A 97 -6.05 22.82 -2.07
N VAL A 98 -6.96 22.47 -2.97
CA VAL A 98 -7.23 21.08 -3.32
C VAL A 98 -7.35 20.91 -4.82
N PRO A 99 -6.87 19.78 -5.36
CA PRO A 99 -6.91 19.50 -6.80
C PRO A 99 -8.33 19.37 -7.34
N ALA A 100 -9.26 19.01 -6.45
CA ALA A 100 -10.64 18.73 -6.84
C ALA A 100 -11.47 18.56 -5.57
N PRO A 101 -12.82 18.51 -5.71
CA PRO A 101 -13.62 18.12 -4.54
C PRO A 101 -13.16 16.79 -3.98
N LEU A 102 -13.07 16.68 -2.66
CA LEU A 102 -12.58 15.47 -2.01
C LEU A 102 -13.40 14.25 -2.40
N GLY A 103 -12.71 13.18 -2.79
CA GLY A 103 -13.37 11.95 -3.20
C GLY A 103 -13.39 11.76 -4.70
N THR A 104 -13.04 12.82 -5.43
CA THR A 104 -12.98 12.76 -6.89
C THR A 104 -11.98 11.70 -7.36
N PRO A 105 -12.41 10.85 -8.31
CA PRO A 105 -11.55 9.81 -8.90
C PRO A 105 -10.20 10.35 -9.35
N ASP A 106 -9.14 9.58 -9.11
CA ASP A 106 -7.78 10.04 -9.37
C ASP A 106 -7.11 9.25 -10.49
N PHE A 107 -7.90 8.76 -11.44
CA PHE A 107 -7.36 8.01 -12.56
C PHE A 107 -8.24 8.13 -13.80
N SER A 108 -7.64 7.89 -14.97
CA SER A 108 -8.35 7.96 -16.23
C SER A 108 -9.15 6.68 -16.50
N GLY A 109 -10.39 6.85 -16.96
CA GLY A 109 -11.21 5.71 -17.29
C GLY A 109 -12.70 6.01 -17.27
N GLN A 110 -13.50 5.01 -17.61
CA GLN A 110 -14.96 5.14 -17.58
C GLN A 110 -15.53 4.53 -16.31
N ILE A 111 -15.83 5.38 -15.34
CA ILE A 111 -16.37 4.93 -14.06
C ILE A 111 -17.83 4.51 -14.19
N TYR A 112 -18.10 3.24 -13.92
CA TYR A 112 -19.45 2.70 -13.98
C TYR A 112 -20.10 2.68 -12.60
N GLY A 113 -21.27 3.29 -12.50
CA GLY A 113 -21.99 3.35 -11.24
C GLY A 113 -23.47 3.64 -11.41
N VAL A 114 -24.09 4.13 -10.34
CA VAL A 114 -25.52 4.41 -10.35
C VAL A 114 -25.81 5.86 -9.96
N ILE A 115 -26.58 6.55 -10.80
CA ILE A 115 -27.04 7.89 -10.48
C ILE A 115 -28.42 7.82 -9.84
N SER A 116 -28.55 8.39 -8.64
CA SER A 116 -29.82 8.40 -7.92
C SER A 116 -30.25 9.81 -7.58
N GLN A 117 -31.56 10.04 -7.58
CA GLN A 117 -32.10 11.36 -7.27
C GLN A 117 -33.26 11.30 -6.27
N ARG A 118 -33.35 12.32 -5.42
CA ARG A 118 -34.46 12.48 -4.51
C ARG A 118 -34.93 13.92 -4.51
N ASN A 119 -36.15 14.14 -4.99
CA ASN A 119 -36.67 15.49 -5.21
C ASN A 119 -36.78 16.32 -3.92
N THR A 120 -36.49 17.61 -4.04
CA THR A 120 -36.58 18.52 -2.92
C THR A 120 -38.03 18.79 -2.54
N ASN A 121 -38.85 19.08 -3.56
CA ASN A 121 -40.26 19.35 -3.35
C ASN A 121 -41.04 18.09 -2.95
N THR A 122 -42.14 18.28 -2.25
CA THR A 122 -42.96 17.16 -1.80
C THR A 122 -44.37 17.24 -2.38
N VAL A 123 -44.89 16.09 -2.80
CA VAL A 123 -46.24 16.00 -3.35
C VAL A 123 -47.12 15.18 -2.42
N PRO A 124 -48.36 15.66 -2.19
CA PRO A 124 -49.32 15.05 -1.26
C PRO A 124 -49.53 13.55 -1.49
N ASN A 128 -47.49 13.00 1.26
CA ASN A 128 -46.44 14.01 1.32
C ASN A 128 -45.04 13.42 1.23
N LEU A 129 -44.75 12.78 0.10
CA LEU A 129 -43.46 12.13 -0.10
C LEU A 129 -42.82 12.54 -1.44
N PRO A 130 -41.49 12.69 -1.45
CA PRO A 130 -40.75 13.06 -2.66
C PRO A 130 -40.58 11.89 -3.62
N ALA A 131 -40.47 12.20 -4.91
CA ALA A 131 -40.27 11.17 -5.92
C ALA A 131 -38.79 10.81 -6.08
N ASN A 132 -38.53 9.58 -6.53
CA ASN A 132 -37.15 9.11 -6.68
C ASN A 132 -36.92 8.40 -8.01
N ARG A 133 -35.66 8.32 -8.41
CA ARG A 133 -35.27 7.60 -9.62
C ARG A 133 -33.80 7.23 -9.57
N ALA A 134 -33.45 6.10 -10.16
CA ALA A 134 -32.07 5.63 -10.18
C ALA A 134 -31.78 4.83 -11.45
N HIS A 135 -30.68 5.16 -12.11
CA HIS A 135 -30.29 4.47 -13.34
C HIS A 135 -28.79 4.26 -13.42
N GLU A 136 -28.37 3.28 -14.19
CA GLU A 136 -26.95 3.06 -14.45
C GLU A 136 -26.37 4.27 -15.17
N ALA A 137 -25.12 4.59 -14.86
CA ALA A 137 -24.48 5.74 -15.46
C ALA A 137 -22.97 5.55 -15.60
N VAL A 138 -22.37 6.25 -16.56
CA VAL A 138 -20.93 6.17 -16.78
C VAL A 138 -20.32 7.57 -16.76
N ILE A 139 -19.20 7.71 -16.06
CA ILE A 139 -18.49 8.98 -16.00
C ILE A 139 -17.10 8.84 -16.62
N ALA A 140 -16.85 9.60 -17.68
CA ALA A 140 -15.56 9.57 -18.36
C ALA A 140 -14.64 10.66 -17.79
N THR A 141 -13.64 10.25 -17.04
CA THR A 141 -12.73 11.19 -16.39
C THR A 141 -11.70 11.77 -17.36
N TYR A 142 -11.59 11.17 -18.54
CA TYR A 142 -10.66 11.64 -19.55
C TYR A 142 -11.32 12.67 -20.47
N SER A 143 -12.63 12.78 -20.36
CA SER A 143 -13.42 13.70 -21.19
C SER A 143 -13.12 15.16 -20.85
N PRO A 144 -13.16 16.04 -21.87
CA PRO A 144 -13.01 17.48 -21.66
C PRO A 144 -14.14 18.05 -20.81
N LYS A 145 -15.27 17.35 -20.74
CA LYS A 145 -16.42 17.80 -19.96
C LYS A 145 -16.24 17.49 -18.48
N PHE A 146 -15.30 16.59 -18.17
CA PHE A 146 -15.01 16.23 -16.79
C PHE A 146 -14.21 17.32 -16.10
N THR A 147 -14.91 18.28 -15.49
CA THR A 147 -14.24 19.39 -14.82
C THR A 147 -14.74 19.59 -13.38
N PRO A 148 -14.37 18.68 -12.46
CA PRO A 148 -14.80 18.79 -11.07
C PRO A 148 -14.19 20.02 -10.38
N LYS A 149 -13.02 20.46 -10.85
CA LYS A 149 -12.38 21.65 -10.29
C LYS A 149 -13.23 22.88 -10.54
N LEU A 150 -13.92 22.88 -11.68
CA LEU A 150 -14.81 23.99 -12.02
C LEU A 150 -16.22 23.73 -11.50
N GLY A 151 -16.36 22.66 -10.72
CA GLY A 151 -17.64 22.32 -10.11
C GLY A 151 -18.68 21.87 -11.11
N ASN A 152 -18.25 21.15 -12.15
CA ASN A 152 -19.15 20.68 -13.19
C ASN A 152 -18.60 19.48 -13.97
N ILE A 153 -19.28 18.35 -13.85
CA ILE A 153 -18.91 17.16 -14.61
C ILE A 153 -20.06 16.74 -15.52
N GLN A 154 -19.87 15.63 -16.24
CA GLN A 154 -20.88 15.15 -17.17
C GLN A 154 -20.88 13.63 -17.23
N PHE A 155 -22.07 13.04 -17.12
CA PHE A 155 -22.21 11.59 -17.16
C PHE A 155 -23.19 11.15 -18.23
N SER A 156 -23.12 9.88 -18.62
CA SER A 156 -24.01 9.35 -19.65
C SER A 156 -24.83 8.18 -19.12
N THR A 157 -25.99 7.96 -19.72
CA THR A 157 -26.89 6.88 -19.31
C THR A 157 -27.42 6.10 -20.51
N TRP A 158 -27.90 4.89 -20.26
CA TRP A 158 -28.62 4.14 -21.27
C TRP A 158 -30.07 4.60 -21.31
N GLU A 159 -30.57 5.08 -20.17
CA GLU A 159 -31.87 5.72 -20.08
C GLU A 159 -31.86 7.02 -20.88
N THR A 160 -32.95 7.30 -21.60
CA THR A 160 -32.97 8.42 -22.52
C THR A 160 -33.93 9.54 -22.11
N GLN A 161 -34.44 9.48 -20.88
CA GLN A 161 -35.42 10.47 -20.45
C GLN A 161 -35.51 10.63 -18.93
N ASP A 162 -35.59 9.52 -18.21
CA ASP A 162 -35.91 9.53 -16.78
C ASP A 162 -34.78 10.08 -15.91
N VAL A 163 -34.42 11.35 -16.14
CA VAL A 163 -33.49 12.06 -15.26
C VAL A 163 -33.98 13.49 -15.07
N SER A 164 -34.22 13.87 -13.82
CA SER A 164 -34.78 15.18 -13.51
C SER A 164 -33.71 16.25 -13.33
N SER A 165 -34.09 17.50 -13.56
CA SER A 165 -33.18 18.62 -13.43
C SER A 165 -33.43 19.41 -12.15
N GLY A 166 -32.37 19.96 -11.57
CA GLY A 166 -32.48 20.77 -10.38
C GLY A 166 -32.74 19.97 -9.12
N GLN A 167 -32.61 18.65 -9.22
CA GLN A 167 -32.85 17.77 -8.07
C GLN A 167 -31.56 17.19 -7.53
N PRO A 168 -31.48 17.00 -6.20
CA PRO A 168 -30.32 16.41 -5.53
C PRO A 168 -29.90 15.08 -6.15
N THR A 169 -28.68 15.02 -6.66
CA THR A 169 -28.19 13.84 -7.37
C THR A 169 -26.99 13.22 -6.67
N LYS A 170 -27.01 11.90 -6.55
CA LYS A 170 -25.89 11.16 -5.96
C LYS A 170 -25.32 10.16 -6.95
N PHE A 171 -23.99 10.05 -6.99
CA PHE A 171 -23.35 9.02 -7.80
C PHE A 171 -22.69 7.97 -6.92
N THR A 172 -23.04 6.71 -7.16
CA THR A 172 -22.49 5.60 -6.40
C THR A 172 -21.61 4.72 -7.27
N PRO A 173 -20.29 4.74 -7.03
CA PRO A 173 -19.33 3.96 -7.83
C PRO A 173 -19.51 2.46 -7.67
N VAL A 174 -19.51 1.75 -8.79
CA VAL A 174 -19.65 0.29 -8.78
C VAL A 174 -18.42 -0.39 -9.36
N GLY A 175 -17.95 0.12 -10.50
CA GLY A 175 -16.78 -0.43 -11.15
C GLY A 175 -16.38 0.35 -12.40
N LEU A 176 -16.05 -0.37 -13.46
CA LEU A 176 -15.69 0.25 -14.74
C LEU A 176 -16.60 -0.21 -15.86
N ALA A 177 -16.84 0.69 -16.81
CA ALA A 177 -17.69 0.37 -17.96
C ALA A 177 -16.97 -0.56 -18.93
N SER A 178 -15.70 -0.27 -19.20
CA SER A 178 -14.91 -1.07 -20.12
C SER A 178 -13.41 -0.81 -19.96
N VAL A 179 -12.59 -1.75 -20.40
CA VAL A 179 -11.14 -1.57 -20.38
C VAL A 179 -10.53 -1.85 -21.74
N ASP A 180 -11.26 -1.53 -22.80
CA ASP A 180 -10.77 -1.71 -24.16
C ASP A 180 -9.86 -0.56 -24.57
N ALA A 181 -9.57 -0.47 -25.87
CA ALA A 181 -8.64 0.53 -26.38
C ALA A 181 -9.19 1.95 -26.26
N ASN A 182 -10.47 2.11 -26.61
CA ASN A 182 -11.11 3.42 -26.61
C ASN A 182 -11.63 3.81 -25.23
N SER A 183 -11.44 2.92 -24.25
CA SER A 183 -11.93 3.17 -22.90
C SER A 183 -11.01 4.11 -22.13
N HIS A 184 -9.75 4.20 -22.57
CA HIS A 184 -8.75 5.07 -21.95
C HIS A 184 -8.57 4.79 -20.46
N PHE A 185 -8.45 3.53 -20.09
CA PHE A 185 -8.23 3.18 -18.69
C PHE A 185 -6.74 3.07 -18.36
N ASP A 186 -6.24 4.05 -17.63
CA ASP A 186 -4.89 4.00 -17.10
C ASP A 186 -4.91 4.37 -15.62
N GLN A 187 -4.44 3.45 -14.79
CA GLN A 187 -4.51 3.60 -13.34
C GLN A 187 -3.66 4.76 -12.82
N TRP A 188 -2.51 5.01 -13.46
CA TRP A 188 -1.59 6.01 -12.97
C TRP A 188 -1.60 7.28 -13.80
N THR A 189 -2.70 7.50 -14.52
CA THR A 189 -2.87 8.73 -15.28
C THR A 189 -3.92 9.62 -14.62
N LEU A 190 -3.47 10.73 -14.04
CA LEU A 190 -4.38 11.66 -13.39
C LEU A 190 -5.29 12.35 -14.40
N PRO A 191 -6.57 12.50 -14.06
CA PRO A 191 -7.50 13.25 -14.91
C PRO A 191 -7.15 14.72 -14.94
N SER A 192 -7.60 15.44 -15.96
CA SER A 192 -7.45 16.88 -15.99
C SER A 192 -8.62 17.53 -15.28
N TYR A 193 -8.43 17.85 -14.00
CA TYR A 193 -9.50 18.31 -13.13
C TYR A 193 -10.19 19.58 -13.61
N SER A 194 -9.46 20.43 -14.33
CA SER A 194 -10.04 21.65 -14.88
C SER A 194 -10.26 21.51 -16.38
N GLY A 195 -10.14 20.29 -16.89
CA GLY A 195 -10.28 20.04 -18.31
C GLY A 195 -9.10 20.55 -19.10
N ALA A 196 -9.36 21.02 -20.32
CA ALA A 196 -8.30 21.53 -21.18
C ALA A 196 -8.00 22.99 -20.89
N LEU A 197 -8.66 23.53 -19.86
CA LEU A 197 -8.49 24.93 -19.50
C LEU A 197 -7.11 25.21 -18.92
N THR A 198 -6.78 24.51 -17.83
CA THR A 198 -5.48 24.67 -17.19
C THR A 198 -5.01 23.37 -16.54
N LEU A 199 -3.74 23.33 -16.17
CA LEU A 199 -3.15 22.13 -15.57
C LEU A 199 -3.59 21.96 -14.11
N ASN A 200 -3.34 20.78 -13.56
CA ASN A 200 -3.73 20.48 -12.19
C ASN A 200 -2.79 21.13 -11.17
N MET A 201 -3.36 21.52 -10.03
CA MET A 201 -2.58 22.14 -8.96
C MET A 201 -2.88 21.49 -7.62
N ASN A 202 -2.07 21.84 -6.62
CA ASN A 202 -2.24 21.34 -5.25
C ASN A 202 -2.22 19.82 -5.14
N LEU A 203 -1.56 19.18 -6.10
CA LEU A 203 -1.49 17.72 -6.13
C LEU A 203 -0.63 17.16 -5.00
N ALA A 204 -0.94 15.94 -4.58
CA ALA A 204 -0.06 15.21 -3.68
C ALA A 204 1.22 14.83 -4.44
N PRO A 205 2.37 14.88 -3.75
CA PRO A 205 3.66 14.63 -4.39
C PRO A 205 3.79 13.24 -4.99
N SER A 206 4.64 13.09 -5.99
CA SER A 206 4.87 11.80 -6.63
C SER A 206 5.53 10.82 -5.66
N VAL A 207 5.47 9.54 -5.99
CA VAL A 207 5.98 8.50 -5.13
C VAL A 207 6.93 7.56 -5.87
N ALA A 208 8.12 7.36 -5.31
CA ALA A 208 9.11 6.49 -5.92
C ALA A 208 10.06 5.93 -4.86
N PRO A 209 10.53 4.69 -5.05
CA PRO A 209 11.53 4.09 -4.16
C PRO A 209 12.90 4.74 -4.34
N VAL A 210 13.56 5.05 -3.22
CA VAL A 210 14.85 5.75 -3.26
C VAL A 210 16.00 4.80 -3.61
N PHE A 211 16.26 3.84 -2.72
CA PHE A 211 17.35 2.89 -2.92
C PHE A 211 17.08 1.92 -4.07
N PRO A 212 18.14 1.56 -4.81
CA PRO A 212 18.02 0.57 -5.89
C PRO A 212 17.78 -0.83 -5.34
N GLY A 213 17.00 -1.63 -6.06
CA GLY A 213 16.66 -2.96 -5.61
C GLY A 213 15.36 -2.98 -4.84
N GLU A 214 14.84 -1.79 -4.55
CA GLU A 214 13.56 -1.67 -3.85
C GLU A 214 12.46 -1.22 -4.80
N CYS A 215 11.26 -1.74 -4.59
CA CYS A 215 10.10 -1.38 -5.40
C CYS A 215 8.89 -1.11 -4.52
N LEU A 216 7.93 -0.37 -5.05
CA LEU A 216 6.72 -0.04 -4.32
C LEU A 216 5.89 -1.28 -4.01
N LEU A 217 5.33 -1.33 -2.80
CA LEU A 217 4.44 -2.41 -2.41
C LEU A 217 3.00 -1.92 -2.42
N PHE A 218 2.19 -2.47 -3.33
CA PHE A 218 0.82 -2.01 -3.50
C PHE A 218 -0.21 -2.93 -2.85
N PHE A 219 -1.31 -2.34 -2.41
CA PHE A 219 -2.48 -3.10 -2.00
C PHE A 219 -3.43 -3.21 -3.18
N ARG A 220 -3.58 -4.42 -3.71
CA ARG A 220 -4.31 -4.62 -4.97
C ARG A 220 -5.75 -5.07 -4.76
N SER A 221 -6.66 -4.40 -5.47
CA SER A 221 -8.07 -4.78 -5.49
C SER A 221 -8.57 -4.93 -6.92
N PHE A 222 -9.32 -5.99 -7.18
CA PHE A 222 -9.88 -6.20 -8.52
C PHE A 222 -11.23 -5.52 -8.66
N ILE A 223 -11.41 -4.82 -9.78
CA ILE A 223 -12.59 -3.98 -9.98
C ILE A 223 -13.53 -4.57 -11.04
N PRO A 224 -14.83 -4.62 -10.73
CA PRO A 224 -15.86 -5.16 -11.63
C PRO A 224 -15.95 -4.43 -12.97
N LEU A 225 -16.49 -5.11 -13.98
CA LEU A 225 -16.67 -4.53 -15.31
C LEU A 225 -18.11 -4.65 -15.77
N LYS A 226 -18.61 -3.59 -16.42
CA LYS A 226 -19.95 -3.60 -16.98
C LYS A 226 -20.04 -4.61 -18.13
N GLY A 227 -19.01 -4.64 -18.95
CA GLY A 227 -18.95 -5.58 -20.06
C GLY A 227 -17.57 -5.63 -20.69
N GLY A 228 -17.37 -6.57 -21.61
CA GLY A 228 -16.10 -6.71 -22.30
C GLY A 228 -15.18 -7.71 -21.64
N TYR A 229 -13.94 -7.76 -22.10
CA TYR A 229 -12.95 -8.69 -21.58
C TYR A 229 -11.90 -7.96 -20.75
N GLY A 230 -11.34 -8.66 -19.77
CA GLY A 230 -10.28 -8.10 -18.96
C GLY A 230 -10.40 -8.35 -17.47
N ASN A 231 -9.29 -8.21 -16.75
CA ASN A 231 -9.29 -8.34 -15.30
C ASN A 231 -8.58 -7.15 -14.66
N PRO A 232 -9.20 -5.96 -14.74
CA PRO A 232 -8.57 -4.72 -14.26
C PRO A 232 -8.39 -4.70 -12.75
N ALA A 233 -7.45 -3.90 -12.28
CA ALA A 233 -7.15 -3.83 -10.85
C ALA A 233 -6.82 -2.40 -10.43
N ILE A 234 -7.04 -2.11 -9.15
CA ILE A 234 -6.70 -0.80 -8.59
C ILE A 234 -5.75 -0.98 -7.41
N ASP A 235 -4.61 -0.31 -7.48
CA ASP A 235 -3.60 -0.42 -6.44
C ASP A 235 -3.52 0.87 -5.65
N CYS A 236 -3.63 0.77 -4.32
CA CYS A 236 -3.49 1.92 -3.46
C CYS A 236 -2.22 1.82 -2.63
N LEU A 237 -1.71 2.97 -2.22
CA LEU A 237 -0.50 3.02 -1.41
C LEU A 237 -0.80 2.52 0.00
N MET A 238 -1.90 3.01 0.56
CA MET A 238 -2.36 2.56 1.87
C MET A 238 -3.85 2.28 1.84
N PRO A 239 -4.29 1.26 2.58
CA PRO A 239 -5.73 0.98 2.69
C PRO A 239 -6.45 2.09 3.44
N GLN A 240 -7.77 2.20 3.24
CA GLN A 240 -8.55 3.28 3.83
C GLN A 240 -8.50 3.24 5.36
N GLU A 241 -8.37 2.04 5.92
CA GLU A 241 -8.28 1.88 7.36
C GLU A 241 -7.02 2.54 7.91
N TRP A 242 -5.94 2.48 7.14
CA TRP A 242 -4.68 3.12 7.54
C TRP A 242 -4.81 4.63 7.50
N VAL A 243 -5.45 5.15 6.45
CA VAL A 243 -5.69 6.58 6.31
C VAL A 243 -6.46 7.12 7.51
N GLN A 244 -7.50 6.41 7.90
CA GLN A 244 -8.32 6.78 9.05
C GLN A 244 -7.51 6.72 10.34
N HIS A 245 -6.70 5.68 10.49
CA HIS A 245 -5.92 5.48 11.71
C HIS A 245 -4.84 6.54 11.88
N LEU A 246 -4.09 6.81 10.82
CA LEU A 246 -3.02 7.81 10.87
C LEU A 246 -3.57 9.20 11.18
N TYR A 247 -4.79 9.46 10.71
CA TYR A 247 -5.44 10.74 10.96
C TYR A 247 -5.83 10.88 12.42
N GLN A 248 -6.17 9.76 13.05
CA GLN A 248 -6.60 9.74 14.44
C GLN A 248 -5.47 10.08 15.41
N GLU A 249 -4.42 9.27 15.39
CA GLU A 249 -3.33 9.42 16.36
C GLU A 249 -2.54 10.70 16.15
N SER A 250 -2.35 11.08 14.89
CA SER A 250 -1.58 12.27 14.52
C SER A 250 -0.20 12.27 15.19
N ALA A 251 0.48 11.12 15.12
CA ALA A 251 1.79 10.97 15.74
C ALA A 251 2.88 11.57 14.86
N PRO A 252 3.74 12.40 15.46
CA PRO A 252 4.84 13.05 14.73
C PRO A 252 5.86 12.04 14.21
N SER A 253 6.26 12.19 12.96
CA SER A 253 7.24 11.31 12.35
C SER A 253 8.65 11.63 12.84
N LEU A 254 9.35 10.61 13.35
CA LEU A 254 10.69 10.80 13.87
C LEU A 254 11.75 10.59 12.80
N SER A 255 11.39 9.84 11.77
CA SER A 255 12.31 9.55 10.67
C SER A 255 11.58 9.57 9.34
N ASP A 256 12.34 9.56 8.25
CA ASP A 256 11.76 9.56 6.92
C ASP A 256 11.23 8.18 6.55
N VAL A 257 11.72 7.16 7.26
CA VAL A 257 11.35 5.78 6.97
C VAL A 257 11.12 4.98 8.25
N ALA A 258 10.02 4.23 8.28
CA ALA A 258 9.70 3.39 9.42
C ALA A 258 9.62 1.93 9.01
N LEU A 259 10.29 1.06 9.75
CA LEU A 259 10.30 -0.36 9.45
C LEU A 259 9.03 -1.05 9.94
N VAL A 260 8.35 -1.76 9.03
CA VAL A 260 7.16 -2.51 9.39
C VAL A 260 7.34 -3.99 9.03
N ARG A 261 6.67 -4.86 9.77
CA ARG A 261 6.80 -6.30 9.55
C ARG A 261 5.45 -6.96 9.33
N TYR A 262 5.38 -7.83 8.32
CA TYR A 262 4.17 -8.59 8.05
C TYR A 262 4.20 -9.88 8.84
N VAL A 263 3.42 -9.93 9.91
CA VAL A 263 3.50 -11.02 10.88
C VAL A 263 2.34 -12.01 10.77
N ASN A 264 2.67 -13.30 10.80
CA ASN A 264 1.67 -14.36 10.93
C ASN A 264 1.30 -14.52 12.41
N PRO A 265 0.08 -14.10 12.78
CA PRO A 265 -0.35 -14.07 14.17
C PRO A 265 -0.43 -15.46 14.81
N GLU A 266 -0.63 -16.49 13.98
CA GLU A 266 -0.76 -17.85 14.49
C GLU A 266 0.56 -18.37 15.04
N THR A 267 1.67 -17.95 14.44
CA THR A 267 2.98 -18.42 14.83
C THR A 267 3.92 -17.29 15.28
N GLY A 268 3.48 -16.05 15.09
CA GLY A 268 4.26 -14.90 15.50
C GLY A 268 5.49 -14.68 14.62
N ARG A 269 5.50 -15.34 13.47
CA ARG A 269 6.65 -15.28 12.56
C ARG A 269 6.60 -14.03 11.68
N THR A 270 7.77 -13.45 11.42
CA THR A 270 7.88 -12.34 10.48
C THR A 270 8.14 -12.87 9.08
N LEU A 271 7.15 -12.71 8.20
CA LEU A 271 7.25 -13.26 6.84
C LEU A 271 8.20 -12.43 5.98
N PHE A 272 8.03 -11.11 5.99
CA PHE A 272 8.91 -10.23 5.25
C PHE A 272 8.91 -8.82 5.84
N GLU A 273 9.95 -8.06 5.53
CA GLU A 273 10.08 -6.68 6.00
C GLU A 273 9.62 -5.69 4.94
N ALA A 274 9.38 -4.45 5.35
CA ALA A 274 8.97 -3.41 4.42
C ALA A 274 9.28 -2.03 5.00
N LYS A 275 9.52 -1.07 4.11
CA LYS A 275 9.76 0.31 4.53
C LYS A 275 8.50 1.15 4.40
N LEU A 276 8.03 1.68 5.53
CA LEU A 276 6.91 2.61 5.52
C LEU A 276 7.45 4.04 5.54
N HIS A 277 7.38 4.69 4.38
CA HIS A 277 7.95 6.03 4.22
C HIS A 277 7.06 7.11 4.81
N ARG A 278 7.67 8.25 5.13
CA ARG A 278 7.01 9.37 5.78
C ARG A 278 5.76 9.86 5.04
N ASN A 279 5.83 9.89 3.71
CA ASN A 279 4.74 10.46 2.91
C ASN A 279 3.56 9.49 2.76
N GLY A 280 3.77 8.23 3.13
CA GLY A 280 2.68 7.27 3.16
C GLY A 280 2.68 6.28 2.01
N PHE A 281 3.71 5.45 1.95
CA PHE A 281 3.77 4.36 0.98
C PHE A 281 4.77 3.30 1.41
N LEU A 282 4.65 2.11 0.83
CA LEU A 282 5.51 0.99 1.21
C LEU A 282 6.49 0.61 0.09
N THR A 283 7.72 0.29 0.49
CA THR A 283 8.70 -0.26 -0.43
C THR A 283 9.28 -1.55 0.12
N VAL A 284 9.55 -2.51 -0.76
CA VAL A 284 10.14 -3.78 -0.34
C VAL A 284 11.34 -4.14 -1.20
N ALA A 285 12.22 -4.97 -0.65
CA ALA A 285 13.37 -5.45 -1.41
C ALA A 285 13.02 -6.76 -2.11
N ARG A 286 12.24 -6.66 -3.18
CA ARG A 286 11.79 -7.83 -3.92
C ARG A 286 12.24 -7.77 -5.37
N ASN A 287 12.65 -8.92 -5.90
CA ASN A 287 13.06 -9.01 -7.30
C ASN A 287 11.90 -9.47 -8.19
N SER A 288 11.05 -10.33 -7.64
CA SER A 288 9.91 -10.87 -8.38
C SER A 288 8.83 -9.81 -8.58
N ALA A 289 7.84 -10.14 -9.40
CA ALA A 289 6.72 -9.24 -9.64
C ALA A 289 5.40 -9.97 -9.48
N GLY A 290 4.29 -9.25 -9.66
CA GLY A 290 2.98 -9.84 -9.55
C GLY A 290 2.48 -9.92 -8.11
N PRO A 291 1.56 -10.85 -7.85
CA PRO A 291 0.96 -11.00 -6.52
C PRO A 291 1.93 -11.56 -5.49
N VAL A 292 1.82 -11.08 -4.25
CA VAL A 292 2.64 -11.57 -3.15
C VAL A 292 1.97 -12.77 -2.47
N VAL A 293 2.63 -13.92 -2.50
CA VAL A 293 2.09 -15.11 -1.85
C VAL A 293 2.27 -15.02 -0.34
N ALA A 294 1.16 -14.80 0.36
CA ALA A 294 1.18 -14.65 1.81
C ALA A 294 -0.22 -14.88 2.38
N PRO A 295 -0.30 -15.46 3.59
CA PRO A 295 -1.58 -15.71 4.24
C PRO A 295 -2.37 -14.42 4.49
N THR A 296 -3.67 -14.45 4.21
CA THR A 296 -4.52 -13.27 4.34
C THR A 296 -4.72 -12.87 5.80
N ASN A 297 -4.55 -13.82 6.71
CA ASN A 297 -4.70 -13.55 8.13
C ASN A 297 -3.49 -12.84 8.72
N GLY A 298 -2.48 -12.61 7.88
CA GLY A 298 -1.30 -11.88 8.31
C GLY A 298 -1.57 -10.38 8.35
N TYR A 299 -0.82 -9.67 9.19
CA TYR A 299 -1.02 -8.24 9.33
C TYR A 299 0.31 -7.49 9.42
N PHE A 300 0.27 -6.20 9.13
CA PHE A 300 1.45 -5.36 9.23
C PHE A 300 1.59 -4.81 10.65
N ARG A 301 2.80 -4.89 11.20
CA ARG A 301 3.08 -4.38 12.53
C ARG A 301 4.28 -3.42 12.51
N PHE A 302 4.09 -2.25 13.10
CA PHE A 302 5.17 -1.28 13.22
C PHE A 302 6.25 -1.80 14.17
N ASP A 303 7.47 -1.88 13.67
CA ASP A 303 8.58 -2.34 14.48
C ASP A 303 9.27 -1.17 15.19
N SER A 304 9.91 -0.31 14.40
CA SER A 304 10.61 0.84 14.92
C SER A 304 10.99 1.83 13.83
N TRP A 305 11.31 3.06 14.22
CA TRP A 305 11.86 4.04 13.29
C TRP A 305 13.31 3.68 13.00
N VAL A 306 13.72 3.83 11.75
CA VAL A 306 15.08 3.48 11.35
C VAL A 306 15.74 4.59 10.54
N ASN A 307 17.07 4.62 10.59
CA ASN A 307 17.83 5.51 9.71
C ASN A 307 17.99 4.86 8.35
N GLN A 308 18.61 5.58 7.41
CA GLN A 308 18.74 5.06 6.06
C GLN A 308 20.00 4.22 5.88
N PHE A 309 20.49 3.67 6.99
CA PHE A 309 21.59 2.71 6.96
C PHE A 309 21.05 1.29 7.01
N TYR A 310 19.79 1.16 7.42
CA TYR A 310 19.16 -0.14 7.55
C TYR A 310 18.81 -0.72 6.18
N THR A 311 19.11 -2.00 5.99
CA THR A 311 18.83 -2.67 4.73
C THR A 311 17.73 -3.70 4.89
N LEU A 312 16.75 -3.67 3.99
CA LEU A 312 15.62 -4.60 4.04
C LEU A 312 16.06 -6.03 3.78
N ALA A 313 15.38 -6.97 4.43
CA ALA A 313 15.63 -8.38 4.22
C ALA A 313 15.12 -8.81 2.84
N PRO A 314 15.82 -9.75 2.20
CA PRO A 314 15.40 -10.25 0.87
C PRO A 314 14.01 -10.86 0.90
N MET A 315 13.15 -10.43 -0.01
CA MET A 315 11.77 -10.88 -0.04
C MET A 315 11.51 -11.85 -1.20
N GLN B 1 34.29 0.54 22.37
CA GLN B 1 34.70 -0.86 22.35
C GLN B 1 33.53 -1.76 21.99
N VAL B 2 33.10 -1.69 20.74
CA VAL B 2 32.01 -2.53 20.25
C VAL B 2 32.56 -3.70 19.45
N GLN B 3 32.29 -4.92 19.91
CA GLN B 3 32.81 -6.11 19.25
C GLN B 3 31.81 -7.26 19.30
N LEU B 4 31.72 -7.99 18.19
CA LEU B 4 30.89 -9.18 18.12
C LEU B 4 31.76 -10.41 17.84
N GLN B 5 31.67 -11.41 18.70
CA GLN B 5 32.52 -12.59 18.58
C GLN B 5 31.71 -13.86 18.41
N GLU B 6 31.86 -14.51 17.26
CA GLU B 6 31.17 -15.77 16.98
C GLU B 6 31.90 -16.94 17.62
N SER B 7 31.17 -18.03 17.88
CA SER B 7 31.75 -19.23 18.48
C SER B 7 30.92 -20.46 18.20
N GLY B 8 31.58 -21.60 18.05
CA GLY B 8 30.89 -22.86 17.87
C GLY B 8 30.95 -23.41 16.45
N GLY B 9 31.83 -22.86 15.63
CA GLY B 9 31.96 -23.29 14.25
C GLY B 9 32.97 -24.42 14.08
N GLY B 10 32.90 -25.10 12.93
CA GLY B 10 33.81 -26.20 12.65
C GLY B 10 33.28 -27.11 11.56
N LEU B 11 33.68 -28.38 11.63
CA LEU B 11 33.25 -29.37 10.65
C LEU B 11 32.32 -30.40 11.29
N VAL B 12 31.40 -30.94 10.49
CA VAL B 12 30.45 -31.93 10.98
C VAL B 12 29.90 -32.76 9.82
N GLN B 13 29.42 -33.97 10.13
CA GLN B 13 28.84 -34.85 9.13
C GLN B 13 27.46 -34.35 8.71
N PRO B 14 27.12 -34.50 7.42
CA PRO B 14 25.82 -34.08 6.87
C PRO B 14 24.65 -34.73 7.60
N GLY B 15 23.67 -33.92 7.98
CA GLY B 15 22.49 -34.42 8.69
C GLY B 15 22.65 -34.33 10.19
N GLY B 16 23.77 -33.76 10.64
CA GLY B 16 24.05 -33.61 12.05
C GLY B 16 23.46 -32.35 12.64
N SER B 17 24.03 -31.91 13.76
CA SER B 17 23.56 -30.71 14.43
C SER B 17 24.73 -29.85 14.91
N LEU B 18 24.55 -28.53 14.83
CA LEU B 18 25.59 -27.59 15.24
C LEU B 18 24.95 -26.30 15.75
N ARG B 19 25.57 -25.69 16.76
CA ARG B 19 25.05 -24.46 17.34
C ARG B 19 26.09 -23.35 17.37
N LEU B 20 25.71 -22.16 16.90
CA LEU B 20 26.60 -21.01 16.88
C LEU B 20 26.16 -19.97 17.91
N SER B 21 27.12 -19.27 18.49
CA SER B 21 26.83 -18.22 19.45
C SER B 21 27.53 -16.92 19.05
N CYS B 22 27.07 -15.81 19.61
CA CYS B 22 27.64 -14.51 19.30
C CYS B 22 27.46 -13.54 20.47
N ALA B 23 28.55 -13.30 21.20
CA ALA B 23 28.51 -12.41 22.35
C ALA B 23 28.68 -10.95 21.94
N ALA B 24 27.69 -10.13 22.24
CA ALA B 24 27.72 -8.72 21.90
C ALA B 24 28.21 -7.89 23.09
N SER B 25 28.95 -6.82 22.80
CA SER B 25 29.48 -5.96 23.85
C SER B 25 29.49 -4.50 23.43
N GLY B 26 29.05 -3.62 24.33
CA GLY B 26 29.08 -2.19 24.09
C GLY B 26 27.94 -1.69 23.22
N THR B 27 26.82 -2.41 23.22
CA THR B 27 25.65 -2.02 22.45
C THR B 27 24.38 -2.07 23.27
N ILE B 28 23.35 -1.37 22.80
CA ILE B 28 22.02 -1.48 23.39
C ILE B 28 21.34 -2.70 22.79
N PHE B 29 21.70 -3.87 23.30
CA PHE B 29 21.36 -5.15 22.68
C PHE B 29 19.86 -5.39 22.54
N SER B 30 19.11 -5.13 23.60
CA SER B 30 17.69 -5.45 23.62
C SER B 30 16.88 -4.65 22.61
N ARG B 31 17.37 -3.47 22.25
CA ARG B 31 16.66 -2.60 21.32
C ARG B 31 17.01 -2.90 19.86
N ASN B 32 18.20 -3.42 19.63
CA ASN B 32 18.71 -3.62 18.28
C ASN B 32 18.22 -4.90 17.60
N ILE B 33 18.22 -4.88 16.28
CA ILE B 33 17.84 -6.05 15.48
C ILE B 33 19.05 -6.91 15.15
N MET B 34 19.03 -8.15 15.60
CA MET B 34 20.16 -9.06 15.37
C MET B 34 19.85 -10.04 14.24
N GLY B 35 20.89 -10.44 13.52
CA GLY B 35 20.73 -11.36 12.40
C GLY B 35 21.96 -12.18 12.09
N TRP B 36 21.76 -13.31 11.40
CA TRP B 36 22.86 -14.17 10.99
C TRP B 36 23.02 -14.20 9.47
N TYR B 37 24.23 -13.89 9.01
CA TYR B 37 24.55 -13.95 7.59
C TYR B 37 25.44 -15.14 7.28
N ARG B 38 25.51 -15.51 6.01
CA ARG B 38 26.47 -16.53 5.58
C ARG B 38 27.00 -16.19 4.18
N GLN B 39 28.23 -16.60 3.92
CA GLN B 39 28.86 -16.30 2.64
C GLN B 39 29.60 -17.50 2.08
N ALA B 40 29.07 -18.06 1.00
CA ALA B 40 29.71 -19.17 0.31
C ALA B 40 30.73 -18.65 -0.70
N PRO B 41 31.81 -19.42 -0.94
CA PRO B 41 32.82 -19.01 -1.91
C PRO B 41 32.25 -18.84 -3.32
N GLY B 42 32.30 -17.62 -3.83
CA GLY B 42 31.74 -17.32 -5.13
C GLY B 42 30.34 -16.76 -5.02
N LYS B 43 29.87 -16.62 -3.79
CA LYS B 43 28.53 -16.09 -3.53
C LYS B 43 28.59 -14.83 -2.68
N GLU B 44 27.46 -14.13 -2.61
CA GLU B 44 27.38 -12.90 -1.82
C GLU B 44 26.93 -13.20 -0.38
N ARG B 45 27.01 -12.19 0.48
CA ARG B 45 26.54 -12.33 1.85
C ARG B 45 25.02 -12.29 1.91
N GLU B 46 24.41 -13.47 1.99
CA GLU B 46 22.96 -13.58 2.05
C GLU B 46 22.46 -13.69 3.48
N LEU B 47 21.37 -12.99 3.78
CA LEU B 47 20.78 -13.04 5.12
C LEU B 47 20.07 -14.37 5.34
N VAL B 48 20.35 -15.02 6.46
CA VAL B 48 19.78 -16.32 6.78
C VAL B 48 18.63 -16.19 7.78
N ALA B 49 18.94 -15.69 8.96
CA ALA B 49 17.95 -15.51 10.02
C ALA B 49 18.06 -14.12 10.62
N SER B 50 16.97 -13.67 11.24
CA SER B 50 16.95 -12.35 11.87
C SER B 50 15.93 -12.31 13.00
N ILE B 51 16.34 -11.75 14.13
CA ILE B 51 15.46 -11.65 15.29
C ILE B 51 15.29 -10.18 15.68
N TYR B 52 14.10 -9.83 16.15
CA TYR B 52 13.78 -8.43 16.45
C TYR B 52 13.62 -8.19 17.95
N SER B 53 13.23 -6.97 18.30
CA SER B 53 13.11 -6.57 19.69
C SER B 53 12.03 -7.37 20.43
N ASP B 54 10.95 -7.70 19.73
CA ASP B 54 9.87 -8.47 20.33
C ASP B 54 10.09 -9.97 20.13
N ARG B 55 11.34 -10.34 19.91
CA ARG B 55 11.76 -11.74 19.76
C ARG B 55 11.07 -12.45 18.59
N SER B 56 10.55 -11.68 17.65
CA SER B 56 10.00 -12.23 16.42
C SER B 56 11.14 -12.63 15.48
N THR B 57 10.96 -13.70 14.72
CA THR B 57 12.03 -14.24 13.89
C THR B 57 11.70 -14.24 12.40
N TRP B 58 12.75 -14.21 11.59
CA TRP B 58 12.62 -14.29 10.13
C TRP B 58 13.63 -15.30 9.59
N TYR B 59 13.22 -16.08 8.59
CA TYR B 59 14.10 -17.10 8.03
C TYR B 59 14.05 -17.11 6.51
N ALA B 60 15.14 -17.56 5.89
CA ALA B 60 15.19 -17.71 4.44
C ALA B 60 14.51 -19.00 4.01
N GLU B 61 14.02 -19.02 2.77
CA GLU B 61 13.29 -20.18 2.25
C GLU B 61 14.18 -21.41 2.16
N SER B 62 15.48 -21.20 1.99
CA SER B 62 16.43 -22.30 1.88
C SER B 62 16.99 -22.69 3.26
N VAL B 63 16.25 -22.34 4.30
CA VAL B 63 16.71 -22.54 5.67
C VAL B 63 15.53 -22.88 6.60
N GLU B 64 14.38 -22.29 6.29
CA GLU B 64 13.15 -22.47 7.06
C GLU B 64 12.87 -23.91 7.49
N GLY B 65 12.58 -24.08 8.77
CA GLY B 65 12.23 -25.38 9.31
C GLY B 65 13.41 -26.13 9.89
N ARG B 66 14.62 -25.63 9.61
CA ARG B 66 15.83 -26.30 10.05
C ARG B 66 16.58 -25.49 11.09
N PHE B 67 16.84 -24.21 10.78
CA PHE B 67 17.62 -23.36 11.68
C PHE B 67 16.72 -22.60 12.64
N THR B 68 17.27 -22.26 13.80
CA THR B 68 16.52 -21.52 14.82
C THR B 68 17.38 -20.45 15.46
N ILE B 69 16.94 -19.20 15.37
CA ILE B 69 17.67 -18.09 15.95
C ILE B 69 16.98 -17.59 17.22
N SER B 70 17.77 -17.31 18.25
CA SER B 70 17.25 -16.80 19.51
C SER B 70 18.22 -15.79 20.11
N ARG B 71 17.75 -15.04 21.10
CA ARG B 71 18.59 -14.03 21.74
C ARG B 71 18.46 -14.05 23.25
N ASP B 72 19.51 -13.63 23.94
CA ASP B 72 19.52 -13.54 25.39
C ASP B 72 19.92 -12.13 25.81
N ASN B 73 18.93 -11.31 26.16
CA ASN B 73 19.16 -9.91 26.49
C ASN B 73 19.92 -9.72 27.80
N VAL B 74 19.97 -10.77 28.60
CA VAL B 74 20.67 -10.72 29.88
C VAL B 74 22.17 -10.85 29.68
N LYS B 75 22.57 -11.82 28.85
CA LYS B 75 23.97 -12.08 28.58
C LYS B 75 24.45 -11.43 27.29
N ASN B 76 23.54 -10.75 26.61
CA ASN B 76 23.85 -10.08 25.34
C ASN B 76 24.43 -11.03 24.30
N THR B 77 23.90 -12.24 24.23
CA THR B 77 24.39 -13.25 23.30
C THR B 77 23.35 -13.64 22.27
N LEU B 78 23.80 -13.84 21.04
CA LEU B 78 22.92 -14.27 19.95
C LEU B 78 23.26 -15.70 19.55
N TYR B 79 22.23 -16.54 19.44
CA TYR B 79 22.44 -17.95 19.12
C TYR B 79 21.86 -18.32 17.75
N LEU B 80 22.22 -19.52 17.28
CA LEU B 80 21.72 -20.03 16.01
C LEU B 80 21.82 -21.55 15.96
N GLN B 81 20.72 -22.22 16.31
CA GLN B 81 20.67 -23.68 16.28
C GLN B 81 20.54 -24.17 14.84
N MET B 82 21.48 -25.02 14.42
CA MET B 82 21.48 -25.52 13.06
C MET B 82 21.32 -27.04 13.01
N ASN B 83 20.09 -27.49 12.72
CA ASN B 83 19.79 -28.91 12.65
C ASN B 83 19.67 -29.41 11.21
N SER B 84 19.99 -30.69 11.01
CA SER B 84 19.92 -31.32 9.70
C SER B 84 20.72 -30.55 8.66
N LEU B 85 22.04 -30.53 8.83
CA LEU B 85 22.92 -29.77 7.94
C LEU B 85 23.09 -30.43 6.58
N LYS B 86 23.41 -29.63 5.57
CA LYS B 86 23.61 -30.10 4.22
C LYS B 86 24.93 -29.56 3.66
N PRO B 87 25.50 -30.24 2.65
CA PRO B 87 26.74 -29.76 2.04
C PRO B 87 26.60 -28.40 1.37
N GLU B 88 25.37 -27.96 1.14
CA GLU B 88 25.10 -26.66 0.53
C GLU B 88 25.17 -25.54 1.56
N ASP B 89 25.23 -25.92 2.84
CA ASP B 89 25.27 -24.95 3.92
C ASP B 89 26.71 -24.55 4.26
N THR B 90 27.67 -25.15 3.56
CA THR B 90 29.09 -24.87 3.80
C THR B 90 29.43 -23.44 3.39
N ALA B 91 29.62 -22.58 4.38
CA ALA B 91 29.94 -21.18 4.13
C ALA B 91 30.54 -20.51 5.37
N MET B 92 30.74 -19.20 5.28
CA MET B 92 31.23 -18.40 6.40
C MET B 92 30.10 -17.64 7.07
N TYR B 93 29.76 -18.04 8.30
CA TYR B 93 28.63 -17.45 9.01
C TYR B 93 29.04 -16.25 9.86
N TYR B 94 28.42 -15.10 9.59
CA TYR B 94 28.67 -13.87 10.33
C TYR B 94 27.44 -13.44 11.10
N CYS B 95 27.64 -12.95 12.33
CA CYS B 95 26.55 -12.35 13.09
C CYS B 95 26.64 -10.84 12.97
N ARG B 96 25.48 -10.18 12.94
CA ARG B 96 25.46 -8.73 12.73
C ARG B 96 24.38 -8.03 13.55
N ASP B 97 24.71 -6.83 14.01
CA ASP B 97 23.74 -5.93 14.62
C ASP B 97 23.14 -5.06 13.53
N ARG B 98 22.03 -5.52 12.95
CA ARG B 98 21.43 -4.88 11.77
C ARG B 98 21.00 -3.44 12.02
N THR B 99 20.75 -3.10 13.28
CA THR B 99 20.37 -1.74 13.63
C THR B 99 21.58 -0.82 13.61
N LEU B 100 22.65 -1.23 14.28
CA LEU B 100 23.86 -0.43 14.35
C LEU B 100 24.74 -0.62 13.12
N GLY B 101 24.75 -1.84 12.59
CA GLY B 101 25.48 -2.13 11.37
C GLY B 101 26.79 -2.87 11.60
N SER B 102 27.16 -3.02 12.87
CA SER B 102 28.43 -3.66 13.23
C SER B 102 28.43 -5.15 12.87
N TRP B 103 29.49 -5.58 12.20
CA TRP B 103 29.66 -6.99 11.85
C TRP B 103 30.44 -7.75 12.91
N GLY B 104 30.70 -9.02 12.64
CA GLY B 104 31.51 -9.85 13.51
C GLY B 104 32.68 -10.43 12.74
N GLN B 105 33.50 -11.23 13.42
CA GLN B 105 34.65 -11.86 12.79
C GLN B 105 34.21 -12.98 11.85
N GLY B 106 33.30 -13.83 12.35
CA GLY B 106 32.76 -14.91 11.55
C GLY B 106 33.49 -16.22 11.75
N THR B 107 32.73 -17.31 11.83
CA THR B 107 33.31 -18.64 12.01
C THR B 107 33.00 -19.51 10.79
N GLN B 108 33.78 -20.58 10.62
CA GLN B 108 33.63 -21.46 9.47
C GLN B 108 32.79 -22.68 9.80
N VAL B 109 31.83 -22.98 8.94
CA VAL B 109 30.99 -24.18 9.10
C VAL B 109 31.02 -25.01 7.82
N THR B 110 31.56 -26.22 7.93
CA THR B 110 31.65 -27.12 6.78
C THR B 110 30.92 -28.44 7.04
N VAL B 111 30.23 -28.92 6.01
CA VAL B 111 29.50 -30.19 6.10
C VAL B 111 29.84 -31.10 4.93
N SER B 112 30.69 -32.09 5.17
CA SER B 112 31.10 -33.02 4.13
C SER B 112 31.38 -34.41 4.71
N SER B 113 31.77 -35.34 3.85
CA SER B 113 32.08 -36.70 4.26
C SER B 113 33.57 -36.99 4.17
#